data_7JMA
#
_entry.id   7JMA
#
_cell.length_a   57.890
_cell.length_b   57.890
_cell.length_c   143.519
_cell.angle_alpha   90.000
_cell.angle_beta   90.000
_cell.angle_gamma   90.000
#
_symmetry.space_group_name_H-M   'P 41 21 2'
#
loop_
_entity.id
_entity.type
_entity.pdbx_description
1 polymer 'Nitrogenase iron-molybdenum cofactor biosynthesis protein NifB'
2 water water
#
_entity_poly.entity_id   1
_entity_poly.type   'polypeptide(L)'
_entity_poly.pdbx_seq_one_letter_code
;MPDQRQTRFAHITKAHPCFNEKLHDRVGRVHVPIAPRCNIHCKFCTRDINECERRPGVTGRLMTADDAIKHVEKVKEEMP
ISVIGVAGPGDALANEETFEFFKKASKKFPDLLKCMSTNGLLLPDRADELAELGINTVTVTVNAVDPEIGEKIYSFVVYK
DKVYHGREAFEVLSRNQLEGIEKLAERGIIVKVNSVLIPGLNDEHIVDIAREVKKRGASLMNIIPLIPMGEMKDYPRPTC
EQIERVRNEVEKIIPVFRACTQCRADAYGIPGKKEADKHLDMTPASHYLEHHHHHH
;
_entity_poly.pdbx_strand_id   A
#
# COMPACT_ATOMS: atom_id res chain seq x y z
N GLY A 28 10.02 7.39 -15.36
CA GLY A 28 11.21 7.62 -14.55
C GLY A 28 11.21 6.93 -13.20
N ARG A 29 10.37 5.90 -13.07
CA ARG A 29 10.22 5.15 -11.83
C ARG A 29 10.56 3.69 -12.08
N VAL A 30 11.47 3.14 -11.28
CA VAL A 30 11.85 1.73 -11.36
C VAL A 30 11.31 1.02 -10.12
N HIS A 31 10.54 -0.06 -10.34
CA HIS A 31 10.13 -0.94 -9.27
C HIS A 31 10.84 -2.27 -9.43
N VAL A 32 11.41 -2.78 -8.34
CA VAL A 32 12.17 -4.03 -8.36
C VAL A 32 11.34 -5.11 -7.68
N PRO A 33 11.23 -6.33 -8.28
CA PRO A 33 10.42 -7.40 -7.68
C PRO A 33 11.22 -8.26 -6.72
N ILE A 34 11.31 -7.83 -5.46
CA ILE A 34 12.16 -8.49 -4.48
C ILE A 34 11.38 -8.94 -3.26
N ALA A 35 10.05 -8.83 -3.28
CA ALA A 35 9.24 -9.04 -2.07
C ALA A 35 8.17 -10.08 -2.37
N PRO A 36 8.54 -11.35 -2.44
CA PRO A 36 7.56 -12.37 -2.87
C PRO A 36 6.47 -12.65 -1.86
N ARG A 37 6.80 -12.64 -0.58
CA ARG A 37 5.87 -13.10 0.43
C ARG A 37 4.81 -12.05 0.71
N CYS A 38 3.56 -12.48 0.78
CA CYS A 38 2.52 -11.59 1.28
C CYS A 38 2.02 -12.17 2.60
N ASN A 39 1.51 -11.29 3.47
CA ASN A 39 1.09 -11.70 4.80
C ASN A 39 -0.43 -11.64 5.00
N ILE A 40 -1.19 -11.34 3.96
CA ILE A 40 -2.64 -11.33 4.06
C ILE A 40 -3.18 -12.00 2.81
N HIS A 41 -4.42 -12.46 2.88
CA HIS A 41 -5.12 -12.85 1.66
C HIS A 41 -6.34 -11.96 1.49
N CYS A 42 -6.22 -11.02 0.54
CA CYS A 42 -7.34 -10.22 0.09
C CYS A 42 -8.05 -10.92 -1.05
N LYS A 43 -9.38 -10.92 -1.00
CA LYS A 43 -10.17 -11.58 -2.05
C LYS A 43 -10.17 -10.82 -3.37
N PHE A 44 -9.72 -9.56 -3.39
CA PHE A 44 -9.89 -8.69 -4.55
C PHE A 44 -8.55 -8.29 -5.18
N LEU A 62 11.93 -12.86 -10.18
CA LEU A 62 12.33 -12.34 -8.87
C LEU A 62 13.80 -11.97 -8.86
N MET A 63 14.17 -10.97 -8.07
CA MET A 63 15.56 -10.55 -7.93
C MET A 63 15.99 -10.66 -6.49
N THR A 64 17.29 -10.90 -6.30
CA THR A 64 17.91 -10.63 -5.02
C THR A 64 18.08 -9.13 -4.85
N ALA A 65 18.32 -8.70 -3.61
CA ALA A 65 18.53 -7.28 -3.36
C ALA A 65 19.73 -6.76 -4.15
N ASP A 66 20.80 -7.55 -4.25
CA ASP A 66 21.97 -7.10 -4.98
C ASP A 66 21.74 -7.10 -6.48
N ASP A 67 20.96 -8.06 -6.98
CA ASP A 67 20.59 -8.03 -8.39
C ASP A 67 19.70 -6.84 -8.72
N ALA A 68 18.85 -6.43 -7.76
CA ALA A 68 17.99 -5.27 -7.97
C ALA A 68 18.81 -3.98 -8.02
N ILE A 69 19.85 -3.88 -7.18
CA ILE A 69 20.76 -2.74 -7.24
C ILE A 69 21.41 -2.65 -8.61
N LYS A 70 21.94 -3.78 -9.11
CA LYS A 70 22.60 -3.77 -10.41
C LYS A 70 21.61 -3.41 -11.51
N HIS A 71 20.37 -3.89 -11.39
CA HIS A 71 19.32 -3.52 -12.35
C HIS A 71 19.10 -2.00 -12.35
N VAL A 72 18.97 -1.39 -11.17
CA VAL A 72 18.73 0.05 -11.12
C VAL A 72 19.90 0.82 -11.75
N GLU A 73 21.13 0.41 -11.45
CA GLU A 73 22.29 1.11 -11.99
C GLU A 73 22.37 0.96 -13.51
N LYS A 74 22.01 -0.21 -14.03
CA LYS A 74 21.99 -0.36 -15.48
C LYS A 74 20.88 0.48 -16.10
N VAL A 75 19.69 0.49 -15.47
CA VAL A 75 18.59 1.30 -15.98
C VAL A 75 18.93 2.78 -15.91
N LYS A 76 19.58 3.21 -14.82
CA LYS A 76 19.96 4.62 -14.68
C LYS A 76 20.93 5.05 -15.78
N GLU A 77 21.75 4.13 -16.29
CA GLU A 77 22.72 4.45 -17.32
C GLU A 77 22.09 4.63 -18.70
N GLU A 78 20.84 4.20 -18.88
CA GLU A 78 20.17 4.29 -20.16
C GLU A 78 18.91 5.13 -20.15
N MET A 79 18.46 5.60 -18.99
CA MET A 79 17.18 6.27 -18.88
C MET A 79 17.18 7.15 -17.65
N PRO A 80 16.63 8.36 -17.70
CA PRO A 80 16.53 9.20 -16.49
C PRO A 80 15.60 8.57 -15.48
N ILE A 81 16.12 8.29 -14.29
CA ILE A 81 15.36 7.72 -13.19
C ILE A 81 15.39 8.71 -12.03
N SER A 82 14.25 8.88 -11.38
CA SER A 82 14.19 9.71 -10.19
C SER A 82 13.62 8.99 -8.97
N VAL A 83 12.97 7.83 -9.16
CA VAL A 83 12.28 7.13 -8.08
C VAL A 83 12.60 5.64 -8.20
N ILE A 84 12.93 5.01 -7.08
CA ILE A 84 13.01 3.55 -6.98
C ILE A 84 12.02 3.07 -5.94
N GLY A 85 11.31 1.98 -6.25
CA GLY A 85 10.27 1.51 -5.38
C GLY A 85 10.26 0.00 -5.29
N VAL A 86 9.68 -0.47 -4.20
CA VAL A 86 9.39 -1.90 -4.01
C VAL A 86 7.90 -2.00 -3.80
N ALA A 87 7.22 -2.81 -4.62
CA ALA A 87 5.77 -2.91 -4.49
C ALA A 87 5.26 -4.33 -4.52
N GLY A 88 6.10 -5.30 -4.78
CA GLY A 88 5.59 -6.63 -4.97
C GLY A 88 6.68 -7.63 -5.20
N PRO A 89 6.31 -8.83 -5.63
CA PRO A 89 4.96 -9.27 -5.97
C PRO A 89 4.01 -9.50 -4.78
N GLY A 90 4.59 -9.67 -3.59
CA GLY A 90 3.84 -9.82 -2.35
C GLY A 90 3.76 -8.49 -1.64
N ASP A 91 3.94 -8.52 -0.32
CA ASP A 91 3.98 -7.27 0.45
C ASP A 91 5.42 -6.89 0.76
N ALA A 92 5.77 -5.64 0.47
CA ALA A 92 7.15 -5.22 0.67
C ALA A 92 7.63 -5.44 2.10
N LEU A 93 6.78 -5.18 3.10
CA LEU A 93 7.24 -5.25 4.50
C LEU A 93 7.46 -6.68 5.00
N ALA A 94 6.91 -7.66 4.30
CA ALA A 94 6.96 -9.05 4.75
C ALA A 94 8.20 -9.78 4.26
N ASN A 95 9.20 -9.05 3.75
CA ASN A 95 10.35 -9.66 3.12
C ASN A 95 11.60 -8.92 3.54
N GLU A 96 12.55 -9.66 4.14
CA GLU A 96 13.81 -9.04 4.54
C GLU A 96 14.56 -8.43 3.37
N GLU A 97 14.40 -8.99 2.15
CA GLU A 97 15.13 -8.44 0.99
C GLU A 97 14.80 -6.97 0.77
N THR A 98 13.55 -6.57 1.03
CA THR A 98 13.17 -5.16 0.90
C THR A 98 14.10 -4.24 1.68
N PHE A 99 14.34 -4.58 2.94
CA PHE A 99 15.16 -3.71 3.78
C PHE A 99 16.64 -3.82 3.41
N GLU A 100 17.10 -4.99 2.98
CA GLU A 100 18.47 -5.10 2.49
C GLU A 100 18.68 -4.21 1.26
N PHE A 101 17.68 -4.20 0.37
CA PHE A 101 17.77 -3.38 -0.84
C PHE A 101 17.80 -1.90 -0.51
N PHE A 102 16.89 -1.43 0.35
CA PHE A 102 16.90 0.00 0.64
C PHE A 102 18.14 0.39 1.44
N LYS A 103 18.72 -0.52 2.22
CA LYS A 103 19.99 -0.22 2.88
C LYS A 103 21.07 0.09 1.85
N LYS A 104 21.18 -0.76 0.82
CA LYS A 104 22.20 -0.57 -0.20
C LYS A 104 21.88 0.65 -1.08
N ALA A 105 20.61 0.86 -1.39
CA ALA A 105 20.23 1.99 -2.23
C ALA A 105 20.52 3.31 -1.55
N SER A 106 20.46 3.33 -0.21
CA SER A 106 20.83 4.51 0.57
C SER A 106 22.24 4.96 0.24
N LYS A 107 23.17 4.01 0.15
CA LYS A 107 24.54 4.36 -0.17
C LYS A 107 24.70 4.69 -1.65
N LYS A 108 24.19 3.82 -2.53
CA LYS A 108 24.46 3.97 -3.95
C LYS A 108 23.62 5.06 -4.60
N PHE A 109 22.45 5.39 -4.04
CA PHE A 109 21.49 6.27 -4.70
C PHE A 109 20.90 7.25 -3.69
N PRO A 110 21.72 8.15 -3.14
CA PRO A 110 21.17 9.11 -2.17
C PRO A 110 20.19 10.10 -2.80
N ASP A 111 20.36 10.42 -4.08
CA ASP A 111 19.57 11.45 -4.73
C ASP A 111 18.16 11.01 -5.10
N LEU A 112 17.91 9.70 -5.19
CA LEU A 112 16.65 9.21 -5.74
C LEU A 112 15.56 9.14 -4.68
N LEU A 113 14.33 9.42 -5.11
CA LEU A 113 13.18 9.23 -4.24
C LEU A 113 12.98 7.73 -4.03
N LYS A 114 12.69 7.33 -2.81
CA LYS A 114 12.47 5.93 -2.48
C LYS A 114 11.04 5.74 -2.02
N CYS A 115 10.35 4.74 -2.58
CA CYS A 115 8.96 4.54 -2.21
C CYS A 115 8.67 3.05 -2.07
N MET A 116 7.54 2.76 -1.44
CA MET A 116 7.11 1.38 -1.37
C MET A 116 5.60 1.35 -1.15
N SER A 117 5.00 0.22 -1.48
CA SER A 117 3.59 0.00 -1.26
C SER A 117 3.45 -1.15 -0.29
N THR A 118 2.41 -1.10 0.54
CA THR A 118 2.20 -2.15 1.53
C THR A 118 0.72 -2.19 1.90
N ASN A 119 0.26 -3.36 2.38
CA ASN A 119 -1.04 -3.37 3.03
C ASN A 119 -1.01 -2.72 4.42
N GLY A 120 0.17 -2.40 4.95
CA GLY A 120 0.27 -1.75 6.24
C GLY A 120 0.26 -2.66 7.47
N LEU A 121 0.07 -3.97 7.31
CA LEU A 121 -0.02 -4.82 8.49
C LEU A 121 1.21 -4.70 9.39
N LEU A 122 2.39 -4.63 8.79
CA LEU A 122 3.64 -4.58 9.55
C LEU A 122 4.14 -3.17 9.78
N LEU A 123 3.35 -2.16 9.42
CA LEU A 123 3.81 -0.78 9.57
C LEU A 123 4.13 -0.39 11.00
N PRO A 124 3.31 -0.70 12.00
CA PRO A 124 3.71 -0.32 13.37
C PRO A 124 5.07 -0.88 13.75
N ASP A 125 5.39 -2.10 13.33
CA ASP A 125 6.66 -2.69 13.69
C ASP A 125 7.82 -2.22 12.83
N ARG A 126 7.56 -1.70 11.63
CA ARG A 126 8.65 -1.33 10.71
C ARG A 126 8.73 0.15 10.42
N ALA A 127 7.81 0.97 10.93
CA ALA A 127 7.78 2.38 10.54
C ALA A 127 9.09 3.08 10.88
N ASP A 128 9.64 2.83 12.07
CA ASP A 128 10.91 3.45 12.45
C ASP A 128 12.01 3.08 11.46
N GLU A 129 12.08 1.81 11.08
CA GLU A 129 13.15 1.37 10.18
C GLU A 129 13.02 2.00 8.81
N LEU A 130 11.78 2.10 8.31
CA LEU A 130 11.53 2.73 7.02
C LEU A 130 12.09 4.15 6.99
N ALA A 131 11.81 4.92 8.03
CA ALA A 131 12.32 6.28 8.14
C ALA A 131 13.84 6.30 8.12
N GLU A 132 14.46 5.41 8.89
CA GLU A 132 15.92 5.38 8.96
C GLU A 132 16.56 5.02 7.62
N LEU A 133 15.84 4.28 6.77
CA LEU A 133 16.39 3.86 5.48
C LEU A 133 16.12 4.85 4.36
N GLY A 134 15.47 5.97 4.63
CA GLY A 134 15.31 6.99 3.63
C GLY A 134 14.10 6.84 2.73
N ILE A 135 13.14 5.99 3.11
CA ILE A 135 11.89 5.92 2.37
C ILE A 135 11.20 7.27 2.45
N ASN A 136 10.79 7.79 1.30
CA ASN A 136 10.15 9.10 1.23
C ASN A 136 8.64 9.03 1.15
N THR A 137 8.11 8.01 0.49
CA THR A 137 6.68 7.87 0.25
C THR A 137 6.28 6.42 0.43
N VAL A 138 5.15 6.18 1.09
CA VAL A 138 4.59 4.85 1.23
C VAL A 138 3.14 4.91 0.80
N THR A 139 2.74 3.95 -0.03
CA THR A 139 1.36 3.78 -0.45
C THR A 139 0.77 2.63 0.36
N VAL A 140 -0.31 2.90 1.09
CA VAL A 140 -0.97 1.93 1.96
C VAL A 140 -2.33 1.61 1.35
N THR A 141 -2.66 0.33 1.19
CA THR A 141 -3.94 -0.04 0.60
C THR A 141 -4.94 -0.22 1.72
N VAL A 142 -5.96 0.65 1.75
CA VAL A 142 -6.97 0.66 2.79
C VAL A 142 -8.31 0.53 2.07
N ASN A 143 -8.96 -0.63 2.24
CA ASN A 143 -10.19 -0.90 1.51
C ASN A 143 -11.44 -0.77 2.37
N ALA A 144 -11.30 -0.67 3.68
CA ALA A 144 -12.43 -0.44 4.57
C ALA A 144 -11.91 0.02 5.91
N VAL A 145 -12.77 0.71 6.66
CA VAL A 145 -12.52 1.01 8.06
C VAL A 145 -13.64 0.52 8.96
N ASP A 146 -14.67 -0.09 8.40
CA ASP A 146 -15.80 -0.61 9.15
C ASP A 146 -15.76 -2.14 9.07
N PRO A 147 -15.66 -2.85 10.19
CA PRO A 147 -15.41 -4.30 10.14
C PRO A 147 -16.51 -5.10 9.47
N GLU A 148 -17.75 -4.60 9.45
CA GLU A 148 -18.78 -5.34 8.73
C GLU A 148 -18.55 -5.32 7.23
N ILE A 149 -17.80 -4.34 6.73
CA ILE A 149 -17.40 -4.32 5.33
C ILE A 149 -16.06 -5.00 5.13
N GLY A 150 -15.10 -4.75 6.04
CA GLY A 150 -13.77 -5.31 5.90
C GLY A 150 -13.73 -6.81 6.00
N GLU A 151 -14.62 -7.40 6.81
CA GLU A 151 -14.64 -8.85 6.96
C GLU A 151 -15.02 -9.55 5.67
N LYS A 152 -15.63 -8.84 4.73
CA LYS A 152 -16.01 -9.40 3.45
C LYS A 152 -14.92 -9.24 2.39
N ILE A 153 -13.85 -8.51 2.72
CA ILE A 153 -12.77 -8.25 1.79
C ILE A 153 -11.54 -9.12 2.05
N TYR A 154 -11.27 -9.47 3.31
CA TYR A 154 -10.07 -10.22 3.66
C TYR A 154 -10.46 -11.58 4.21
N SER A 155 -9.81 -12.62 3.73
CA SER A 155 -10.14 -13.94 4.25
C SER A 155 -9.28 -14.33 5.43
N PHE A 156 -7.98 -14.02 5.40
CA PHE A 156 -7.15 -14.25 6.58
C PHE A 156 -5.94 -13.32 6.56
N VAL A 157 -5.29 -13.26 7.71
CA VAL A 157 -4.14 -12.40 7.94
C VAL A 157 -3.15 -13.19 8.78
N VAL A 158 -1.86 -13.09 8.44
CA VAL A 158 -0.82 -13.77 9.18
C VAL A 158 0.01 -12.69 9.86
N TYR A 159 0.00 -12.70 11.19
CA TYR A 159 0.66 -11.64 11.96
C TYR A 159 1.31 -12.27 13.18
N LYS A 160 2.62 -12.06 13.32
CA LYS A 160 3.40 -12.68 14.39
C LYS A 160 3.12 -14.19 14.44
N ASP A 161 3.12 -14.80 13.26
CA ASP A 161 2.98 -16.25 13.12
C ASP A 161 1.70 -16.79 13.75
N LYS A 162 0.66 -15.96 13.81
CA LYS A 162 -0.69 -16.41 14.09
C LYS A 162 -1.55 -16.13 12.87
N VAL A 163 -2.46 -17.05 12.54
CA VAL A 163 -3.38 -16.85 11.43
C VAL A 163 -4.71 -16.36 12.00
N TYR A 164 -5.13 -15.18 11.60
CA TYR A 164 -6.44 -14.66 11.98
C TYR A 164 -7.40 -14.82 10.80
N HIS A 165 -8.66 -15.13 11.11
CA HIS A 165 -9.67 -15.30 10.08
C HIS A 165 -10.78 -14.28 10.22
N GLY A 166 -11.42 -14.01 9.10
CA GLY A 166 -12.71 -13.33 9.12
C GLY A 166 -12.63 -11.96 9.74
N ARG A 167 -13.58 -11.68 10.62
CA ARG A 167 -13.68 -10.34 11.18
C ARG A 167 -12.43 -9.99 11.99
N GLU A 168 -11.93 -10.94 12.79
CA GLU A 168 -10.72 -10.69 13.57
C GLU A 168 -9.54 -10.39 12.66
N ALA A 169 -9.46 -11.06 11.51
CA ALA A 169 -8.39 -10.75 10.55
C ALA A 169 -8.44 -9.27 10.13
N PHE A 170 -9.62 -8.80 9.70
CA PHE A 170 -9.71 -7.40 9.30
C PHE A 170 -9.42 -6.46 10.46
N GLU A 171 -9.91 -6.79 11.65
CA GLU A 171 -9.70 -5.87 12.77
C GLU A 171 -8.21 -5.70 13.08
N VAL A 172 -7.46 -6.79 12.98
CA VAL A 172 -6.01 -6.72 13.17
C VAL A 172 -5.35 -5.92 12.05
N LEU A 173 -5.70 -6.23 10.79
CA LEU A 173 -5.15 -5.47 9.67
C LEU A 173 -5.49 -4.00 9.79
N SER A 174 -6.76 -3.70 10.09
CA SER A 174 -7.20 -2.31 10.10
C SER A 174 -6.49 -1.52 11.19
N ARG A 175 -6.44 -2.08 12.41
CA ARG A 175 -5.76 -1.37 13.49
C ARG A 175 -4.31 -1.09 13.14
N ASN A 176 -3.61 -2.10 12.59
CA ASN A 176 -2.21 -1.94 12.28
C ASN A 176 -1.98 -0.95 11.15
N GLN A 177 -2.80 -1.03 10.09
CA GLN A 177 -2.52 -0.17 8.94
C GLN A 177 -2.86 1.29 9.26
N LEU A 178 -3.90 1.53 10.05
CA LEU A 178 -4.26 2.90 10.39
C LEU A 178 -3.26 3.52 11.37
N GLU A 179 -2.84 2.75 12.38
CA GLU A 179 -1.77 3.20 13.25
C GLU A 179 -0.49 3.41 12.46
N GLY A 180 -0.25 2.55 11.47
CA GLY A 180 0.94 2.67 10.65
C GLY A 180 0.97 3.96 9.84
N ILE A 181 -0.19 4.38 9.33
CA ILE A 181 -0.27 5.67 8.63
C ILE A 181 0.20 6.77 9.55
N GLU A 182 -0.27 6.76 10.81
CA GLU A 182 0.13 7.89 11.67
C GLU A 182 1.60 7.80 12.04
N LYS A 183 2.14 6.59 12.20
CA LYS A 183 3.57 6.46 12.51
C LYS A 183 4.44 6.92 11.35
N LEU A 184 4.05 6.59 10.12
CA LEU A 184 4.78 7.11 8.97
C LEU A 184 4.66 8.62 8.89
N ALA A 185 3.43 9.13 8.95
CA ALA A 185 3.21 10.56 8.75
C ALA A 185 3.98 11.41 9.75
N GLU A 186 4.05 10.96 11.02
CA GLU A 186 4.73 11.77 12.03
C GLU A 186 6.24 11.79 11.83
N ARG A 187 6.76 10.85 11.04
CA ARG A 187 8.18 10.80 10.69
C ARG A 187 8.48 11.49 9.36
N GLY A 188 7.51 12.17 8.76
CA GLY A 188 7.75 12.92 7.54
C GLY A 188 7.56 12.15 6.26
N ILE A 189 7.22 10.86 6.35
CA ILE A 189 7.04 10.06 5.14
C ILE A 189 5.68 10.40 4.55
N ILE A 190 5.64 10.66 3.25
CA ILE A 190 4.39 10.97 2.57
C ILE A 190 3.55 9.71 2.50
N VAL A 191 2.32 9.74 3.01
CA VAL A 191 1.46 8.56 2.97
C VAL A 191 0.40 8.78 1.91
N LYS A 192 0.37 7.87 0.93
CA LYS A 192 -0.68 7.83 -0.06
C LYS A 192 -1.54 6.61 0.24
N VAL A 193 -2.86 6.77 0.16
CA VAL A 193 -3.76 5.65 0.44
C VAL A 193 -4.42 5.21 -0.86
N ASN A 194 -4.29 3.92 -1.17
CA ASN A 194 -5.02 3.29 -2.26
C ASN A 194 -6.27 2.62 -1.69
N SER A 195 -7.40 2.84 -2.34
CA SER A 195 -8.64 2.17 -1.97
C SER A 195 -9.28 1.61 -3.23
N VAL A 196 -9.59 0.31 -3.20
CA VAL A 196 -10.27 -0.33 -4.32
C VAL A 196 -11.77 -0.10 -4.20
N LEU A 197 -12.37 0.44 -5.25
CA LEU A 197 -13.81 0.69 -5.27
C LEU A 197 -14.51 -0.60 -5.65
N ILE A 198 -15.25 -1.18 -4.70
CA ILE A 198 -15.96 -2.44 -4.94
C ILE A 198 -17.45 -2.13 -4.96
N PRO A 199 -18.07 -2.07 -6.13
CA PRO A 199 -19.49 -1.72 -6.21
C PRO A 199 -20.33 -2.69 -5.40
N GLY A 200 -21.23 -2.14 -4.59
CA GLY A 200 -22.10 -2.96 -3.77
C GLY A 200 -21.47 -3.47 -2.50
N LEU A 201 -20.24 -3.07 -2.20
CA LEU A 201 -19.58 -3.51 -0.97
C LEU A 201 -19.05 -2.32 -0.19
N ASN A 202 -18.19 -1.51 -0.81
CA ASN A 202 -17.64 -0.34 -0.13
C ASN A 202 -17.85 0.96 -0.89
N ASP A 203 -18.73 0.97 -1.90
CA ASP A 203 -18.85 2.14 -2.78
C ASP A 203 -19.27 3.38 -2.03
N GLU A 204 -20.21 3.25 -1.09
CA GLU A 204 -20.66 4.36 -0.27
C GLU A 204 -19.80 4.55 0.97
N HIS A 205 -18.79 3.72 1.14
CA HIS A 205 -17.94 3.69 2.31
C HIS A 205 -16.60 4.39 2.08
N ILE A 206 -16.29 4.74 0.84
CA ILE A 206 -14.98 5.29 0.52
C ILE A 206 -14.77 6.64 1.21
N VAL A 207 -15.81 7.45 1.36
CA VAL A 207 -15.61 8.74 2.03
C VAL A 207 -15.33 8.53 3.51
N ASP A 208 -15.86 7.46 4.11
CA ASP A 208 -15.49 7.13 5.49
C ASP A 208 -14.02 6.79 5.58
N ILE A 209 -13.51 6.00 4.64
CA ILE A 209 -12.08 5.73 4.58
C ILE A 209 -11.31 7.04 4.53
N ALA A 210 -11.71 7.92 3.61
CA ALA A 210 -10.98 9.17 3.42
C ALA A 210 -10.94 9.99 4.70
N ARG A 211 -12.08 10.11 5.39
CA ARG A 211 -12.09 10.85 6.64
C ARG A 211 -11.14 10.24 7.65
N GLU A 212 -11.13 8.90 7.75
CA GLU A 212 -10.30 8.23 8.75
C GLU A 212 -8.82 8.38 8.43
N VAL A 213 -8.43 8.16 7.17
CA VAL A 213 -7.00 8.20 6.88
C VAL A 213 -6.51 9.65 6.90
N LYS A 214 -7.38 10.61 6.58
CA LYS A 214 -6.99 12.02 6.70
C LYS A 214 -6.69 12.36 8.15
N LYS A 215 -7.53 11.85 9.07
CA LYS A 215 -7.31 12.08 10.50
C LYS A 215 -5.98 11.49 10.96
N ARG A 216 -5.51 10.41 10.32
CA ARG A 216 -4.28 9.73 10.71
C ARG A 216 -3.04 10.32 10.06
N GLY A 217 -3.20 11.19 9.08
CA GLY A 217 -2.05 11.85 8.49
C GLY A 217 -1.78 11.56 7.02
N ALA A 218 -2.68 10.86 6.34
CA ALA A 218 -2.50 10.61 4.92
C ALA A 218 -2.54 11.93 4.13
N SER A 219 -1.81 11.95 3.01
CA SER A 219 -1.70 13.12 2.15
C SER A 219 -2.55 13.06 0.90
N LEU A 220 -2.88 11.85 0.43
CA LEU A 220 -3.48 11.70 -0.89
C LEU A 220 -4.21 10.37 -0.89
N MET A 221 -5.31 10.32 -1.61
CA MET A 221 -6.02 9.07 -1.83
C MET A 221 -6.08 8.76 -3.32
N ASN A 222 -5.94 7.49 -3.65
CA ASN A 222 -6.04 7.03 -5.02
C ASN A 222 -7.15 5.99 -5.04
N ILE A 223 -8.26 6.33 -5.71
CA ILE A 223 -9.37 5.40 -5.87
C ILE A 223 -9.09 4.53 -7.09
N ILE A 224 -9.05 3.22 -6.88
CA ILE A 224 -8.74 2.25 -7.92
C ILE A 224 -10.01 1.44 -8.18
N PRO A 225 -10.45 1.32 -9.42
CA PRO A 225 -11.64 0.50 -9.69
C PRO A 225 -11.32 -0.97 -9.53
N LEU A 226 -12.25 -1.73 -8.97
CA LEU A 226 -12.10 -3.17 -8.90
C LEU A 226 -11.98 -3.77 -10.28
N ILE A 227 -11.03 -4.68 -10.46
CA ILE A 227 -11.00 -5.52 -11.66
C ILE A 227 -11.37 -6.94 -11.23
N PRO A 228 -12.60 -7.38 -11.46
CA PRO A 228 -13.02 -8.69 -10.95
C PRO A 228 -12.22 -9.81 -11.60
N MET A 229 -11.81 -10.78 -10.77
CA MET A 229 -11.08 -11.93 -11.25
C MET A 229 -11.10 -13.00 -10.16
N GLY A 230 -11.34 -14.25 -10.57
CA GLY A 230 -11.29 -15.37 -9.64
C GLY A 230 -12.24 -15.17 -8.47
N GLU A 231 -11.66 -15.04 -7.27
CA GLU A 231 -12.42 -14.59 -6.11
C GLU A 231 -13.10 -13.27 -6.44
N MET A 232 -14.41 -13.21 -6.19
CA MET A 232 -15.22 -12.02 -6.45
C MET A 232 -15.34 -11.71 -7.94
N LYS A 233 -15.23 -12.72 -8.79
CA LYS A 233 -15.61 -12.56 -10.18
C LYS A 233 -17.07 -12.15 -10.34
N ASP A 234 -17.88 -12.30 -9.30
CA ASP A 234 -19.30 -11.94 -9.33
C ASP A 234 -19.56 -10.48 -8.99
N TYR A 235 -18.52 -9.71 -8.70
CA TYR A 235 -18.68 -8.27 -8.55
C TYR A 235 -18.34 -7.58 -9.86
N PRO A 236 -19.02 -6.49 -10.20
CA PRO A 236 -18.74 -5.79 -11.45
C PRO A 236 -17.64 -4.75 -11.28
N ARG A 237 -17.00 -4.43 -12.40
CA ARG A 237 -16.17 -3.24 -12.43
C ARG A 237 -17.07 -2.01 -12.25
N PRO A 238 -16.67 -1.04 -11.43
CA PRO A 238 -17.53 0.13 -11.24
C PRO A 238 -17.75 0.89 -12.53
N THR A 239 -18.95 1.47 -12.66
CA THR A 239 -19.19 2.39 -13.76
C THR A 239 -18.25 3.58 -13.65
N CYS A 240 -17.98 4.21 -14.80
CA CYS A 240 -17.13 5.39 -14.79
C CYS A 240 -17.83 6.59 -14.19
N GLU A 241 -19.16 6.65 -14.31
CA GLU A 241 -19.91 7.64 -13.54
C GLU A 241 -19.69 7.44 -12.05
N GLN A 242 -19.61 6.19 -11.61
CA GLN A 242 -19.42 5.94 -10.17
C GLN A 242 -18.00 6.28 -9.74
N ILE A 243 -16.99 5.90 -10.52
CA ILE A 243 -15.60 6.16 -10.13
C ILE A 243 -15.35 7.65 -10.06
N GLU A 244 -15.94 8.42 -10.96
CA GLU A 244 -15.70 9.86 -10.89
C GLU A 244 -16.62 10.52 -9.87
N ARG A 245 -17.79 9.94 -9.62
CA ARG A 245 -18.61 10.41 -8.51
C ARG A 245 -17.86 10.27 -7.19
N VAL A 246 -17.30 9.09 -6.92
CA VAL A 246 -16.64 8.88 -5.62
C VAL A 246 -15.36 9.70 -5.53
N ARG A 247 -14.64 9.85 -6.65
CA ARG A 247 -13.45 10.70 -6.64
C ARG A 247 -13.81 12.13 -6.29
N ASN A 248 -14.91 12.64 -6.86
CA ASN A 248 -15.33 14.02 -6.58
C ASN A 248 -15.75 14.18 -5.13
N GLU A 249 -16.43 13.19 -4.57
CA GLU A 249 -16.80 13.26 -3.15
C GLU A 249 -15.57 13.17 -2.25
N VAL A 250 -14.65 12.25 -2.55
CA VAL A 250 -13.46 12.11 -1.72
C VAL A 250 -12.63 13.37 -1.76
N GLU A 251 -12.60 14.04 -2.92
CA GLU A 251 -11.81 15.26 -3.09
C GLU A 251 -12.22 16.36 -2.11
N LYS A 252 -13.46 16.35 -1.65
CA LYS A 252 -13.88 17.34 -0.66
C LYS A 252 -13.26 17.10 0.70
N ILE A 253 -12.66 15.91 0.91
CA ILE A 253 -12.08 15.53 2.19
C ILE A 253 -10.56 15.49 2.14
N ILE A 254 -10.00 14.98 1.05
CA ILE A 254 -8.56 14.77 0.94
C ILE A 254 -8.20 14.85 -0.54
N PRO A 255 -7.01 15.34 -0.91
CA PRO A 255 -6.62 15.33 -2.32
C PRO A 255 -6.70 13.94 -2.93
N VAL A 256 -7.07 13.88 -4.21
CA VAL A 256 -7.26 12.63 -4.92
C VAL A 256 -6.29 12.59 -6.09
N PHE A 257 -5.68 11.43 -6.31
CA PHE A 257 -4.78 11.27 -7.45
C PHE A 257 -5.57 11.28 -8.76
N ARG A 258 -5.13 12.11 -9.69
CA ARG A 258 -5.70 12.16 -11.04
C ARG A 258 -4.59 12.34 -12.08
#